data_7AW2
#
_entry.id   7AW2
#
_cell.length_a   92.280
_cell.length_b   94.350
_cell.length_c   71.370
_cell.angle_alpha   90.000
_cell.angle_beta   90.000
_cell.angle_gamma   90.000
#
_symmetry.space_group_name_H-M   'C 2 2 21'
#
loop_
_entity.id
_entity.type
_entity.pdbx_description
1 polymer 'Tyrosine-protein kinase Mer'
2 non-polymer "5-(2'-chloro-[1,1'-biphenyl]-4-yl)-N-(imidazo[1,2-a]pyridin-6-ylmethyl)-N-methyl-1,3,4-oxadiazol-2-amine"
3 water water
#
_entity_poly.entity_id   1
_entity_poly.type   'polypeptide(L)'
_entity_poly.pdbx_seq_one_letter_code
;GSHMEELQNKLEDVVIDRNLLILGRILGEGEFGSVMEGNLKQEDGTSLKVAVKTMKLDNSSQREIEEFLSEAACMKDFSH
PNVIRLLGVCIEMSSQGIPKPMVILPFMKYGDLHTYLLYSRLETGPRHIPLQTLLRFMVDIALGMEYLSNRNFLHRDLAA
RNCMLRDDMTVCVADFGLSKKIYSGDYYRQGRIAKMPVKWIAIESLADRVYTSKSDVWAFGVTMWEIATRGMTPYPGVQN
HEMYDYLLHGHRLKQPEDCLDELYEIMYSCWRTDPLDRPTFSVLRLQLERLLESLPDV
;
_entity_poly.pdbx_strand_id   A
#
loop_
_chem_comp.id
_chem_comp.type
_chem_comp.name
_chem_comp.formula
S4W non-polymer 5-(2'-chloro-[1,1'-biphenyl]-4-yl)-N-(imidazo[1,2-a]pyridin-6-ylmethyl)-N-methyl-1,3,4-oxadiazol-2-amine 'C23 H18 Cl N5 O'
#
# COMPACT_ATOMS: atom_id res chain seq x y z
N SER A 2 -32.22 2.64 6.66
CA SER A 2 -31.05 2.04 7.32
C SER A 2 -29.77 2.12 6.48
N HIS A 3 -29.87 2.56 5.22
CA HIS A 3 -28.76 2.74 4.26
C HIS A 3 -27.74 3.79 4.76
N MET A 4 -28.27 4.83 5.43
CA MET A 4 -27.54 5.95 6.05
C MET A 4 -27.10 5.53 7.45
N GLU A 5 -27.95 4.76 8.16
CA GLU A 5 -27.70 4.23 9.50
C GLU A 5 -26.42 3.37 9.52
N GLU A 6 -26.03 2.79 8.35
CA GLU A 6 -24.82 1.99 8.17
C GLU A 6 -23.58 2.89 8.24
N LEU A 7 -23.68 4.12 7.69
CA LEU A 7 -22.61 5.13 7.69
C LEU A 7 -22.45 5.69 9.10
N GLN A 8 -23.56 5.86 9.84
CA GLN A 8 -23.57 6.35 11.22
C GLN A 8 -22.93 5.31 12.15
N ASN A 9 -23.12 4.01 11.85
CA ASN A 9 -22.55 2.89 12.62
C ASN A 9 -21.03 2.91 12.53
N LYS A 10 -20.52 2.96 11.28
CA LYS A 10 -19.11 3.04 10.91
C LYS A 10 -18.44 4.29 11.54
N LEU A 11 -19.19 5.40 11.57
CA LEU A 11 -18.78 6.71 12.09
C LEU A 11 -18.48 6.69 13.59
N GLU A 12 -19.39 6.07 14.39
CA GLU A 12 -19.26 5.98 15.85
C GLU A 12 -18.02 5.17 16.21
N ASP A 13 -17.83 4.03 15.50
CA ASP A 13 -16.74 3.06 15.64
C ASP A 13 -15.32 3.64 15.48
N VAL A 14 -15.07 4.41 14.42
CA VAL A 14 -13.75 4.89 14.05
C VAL A 14 -13.13 5.95 15.01
N VAL A 15 -13.93 6.68 15.78
CA VAL A 15 -13.36 7.71 16.65
C VAL A 15 -12.76 7.11 17.94
N ILE A 16 -11.53 7.57 18.30
CA ILE A 16 -10.82 7.21 19.52
C ILE A 16 -10.78 8.46 20.41
N ASP A 17 -10.99 8.29 21.73
CA ASP A 17 -10.87 9.37 22.70
C ASP A 17 -9.39 9.74 22.79
N ARG A 18 -9.08 11.03 22.69
CA ARG A 18 -7.71 11.56 22.77
C ARG A 18 -6.97 11.13 24.07
N ASN A 19 -7.70 11.06 25.20
CA ASN A 19 -7.17 10.64 26.50
C ASN A 19 -6.65 9.16 26.50
N LEU A 20 -7.11 8.32 25.55
CA LEU A 20 -6.67 6.93 25.45
C LEU A 20 -5.38 6.81 24.64
N LEU A 21 -4.93 7.95 24.11
CA LEU A 21 -3.74 8.05 23.28
C LEU A 21 -2.67 8.92 23.92
N ILE A 22 -1.44 8.40 23.90
CA ILE A 22 -0.23 9.00 24.42
C ILE A 22 0.70 9.04 23.21
N LEU A 23 1.25 10.21 22.88
CA LEU A 23 2.14 10.38 21.73
C LEU A 23 3.58 10.31 22.12
N GLY A 24 4.39 9.69 21.27
CA GLY A 24 5.82 9.51 21.46
C GLY A 24 6.67 10.36 20.55
N ARG A 25 7.76 9.78 20.04
CA ARG A 25 8.72 10.46 19.18
C ARG A 25 8.27 10.51 17.73
N ILE A 26 8.77 11.53 16.99
CA ILE A 26 8.52 11.69 15.55
C ILE A 26 9.37 10.66 14.83
N LEU A 27 8.76 9.89 13.94
CA LEU A 27 9.44 8.87 13.11
C LEU A 27 9.73 9.40 11.69
N GLY A 28 8.88 10.29 11.19
CA GLY A 28 8.97 10.90 9.86
C GLY A 28 8.25 12.22 9.78
N GLU A 29 8.85 13.20 9.05
CA GLU A 29 8.32 14.55 8.86
C GLU A 29 7.90 14.80 7.42
N PHE A 32 2.59 17.29 4.11
CA PHE A 32 2.00 15.96 3.95
C PHE A 32 1.53 15.33 5.28
N GLY A 33 2.21 15.67 6.38
CA GLY A 33 1.90 15.16 7.71
C GLY A 33 2.98 14.29 8.32
N SER A 34 2.97 14.18 9.66
CA SER A 34 3.97 13.40 10.41
C SER A 34 3.55 11.98 10.79
N VAL A 35 4.56 11.11 11.01
CA VAL A 35 4.40 9.76 11.52
C VAL A 35 5.10 9.79 12.90
N MET A 36 4.37 9.41 13.96
CA MET A 36 4.87 9.40 15.35
C MET A 36 4.56 8.05 15.99
N GLU A 37 5.34 7.65 17.00
CA GLU A 37 5.00 6.44 17.70
C GLU A 37 4.00 6.85 18.76
N GLY A 38 3.21 5.90 19.22
CA GLY A 38 2.24 6.21 20.25
C GLY A 38 1.88 5.00 21.08
N ASN A 39 1.13 5.25 22.17
CA ASN A 39 0.57 4.22 23.05
C ASN A 39 -0.95 4.38 23.02
N LEU A 40 -1.67 3.27 22.83
CA LEU A 40 -3.12 3.26 22.80
C LEU A 40 -3.63 2.41 23.94
N LYS A 41 -4.40 3.00 24.84
CA LYS A 41 -4.98 2.26 25.97
C LYS A 41 -6.19 1.47 25.44
N GLN A 42 -6.12 0.14 25.56
CA GLN A 42 -7.18 -0.75 25.05
C GLN A 42 -8.31 -0.98 26.07
N GLU A 43 -9.38 -1.69 25.63
CA GLU A 43 -10.54 -2.04 26.45
C GLU A 43 -10.17 -3.01 27.59
N ASP A 44 -9.11 -3.85 27.40
CA ASP A 44 -8.58 -4.83 28.37
C ASP A 44 -7.65 -4.23 29.47
N GLY A 45 -7.49 -2.91 29.48
CA GLY A 45 -6.66 -2.20 30.44
C GLY A 45 -5.19 -2.08 30.10
N THR A 46 -4.72 -2.80 29.06
CA THR A 46 -3.30 -2.73 28.67
C THR A 46 -3.11 -1.72 27.55
N SER A 47 -1.88 -1.19 27.44
CA SER A 47 -1.49 -0.25 26.39
C SER A 47 -0.88 -1.00 25.20
N LEU A 48 -1.11 -0.47 23.99
CA LEU A 48 -0.61 -1.03 22.75
C LEU A 48 0.28 -0.01 22.06
N LYS A 49 1.44 -0.47 21.57
CA LYS A 49 2.32 0.37 20.75
C LYS A 49 1.64 0.57 19.38
N VAL A 50 1.47 1.84 18.99
CA VAL A 50 0.82 2.23 17.75
C VAL A 50 1.69 3.21 16.93
N ALA A 51 1.37 3.34 15.62
CA ALA A 51 1.93 4.34 14.73
C ALA A 51 0.81 5.38 14.55
N VAL A 52 1.13 6.66 14.71
CA VAL A 52 0.18 7.77 14.63
C VAL A 52 0.55 8.69 13.45
N LYS A 53 -0.33 8.74 12.44
CA LYS A 53 -0.18 9.58 11.25
C LYS A 53 -1.01 10.86 11.40
N THR A 54 -0.35 12.02 11.47
CA THR A 54 -1.04 13.32 11.59
C THR A 54 -1.22 13.93 10.22
N MET A 55 -2.34 14.63 10.00
CA MET A 55 -2.66 15.20 8.69
C MET A 55 -3.05 16.68 8.73
N LYS A 56 -3.15 17.29 7.54
CA LYS A 56 -3.49 18.70 7.34
C LYS A 56 -4.99 18.89 7.18
N ASN A 59 -8.21 22.36 3.76
CA ASN A 59 -7.77 23.11 4.95
C ASN A 59 -8.95 23.53 5.84
N SER A 60 -10.21 23.30 5.36
CA SER A 60 -11.46 23.65 6.04
C SER A 60 -11.73 22.77 7.27
N SER A 61 -12.15 23.43 8.37
CA SER A 61 -12.42 22.82 9.68
C SER A 61 -13.77 22.07 9.77
N GLN A 62 -14.57 22.07 8.69
CA GLN A 62 -15.86 21.38 8.67
C GLN A 62 -15.91 20.29 7.59
N ARG A 63 -16.21 20.67 6.31
CA ARG A 63 -16.35 19.78 5.15
C ARG A 63 -15.19 18.78 4.98
N GLU A 64 -13.94 19.28 4.88
CA GLU A 64 -12.73 18.47 4.73
C GLU A 64 -12.48 17.55 5.94
N ILE A 65 -12.84 18.00 7.18
CA ILE A 65 -12.73 17.23 8.42
C ILE A 65 -13.76 16.08 8.43
N GLU A 66 -15.04 16.40 8.08
CA GLU A 66 -16.13 15.45 7.97
C GLU A 66 -15.79 14.42 6.91
N GLU A 67 -15.11 14.89 5.83
CA GLU A 67 -14.63 14.06 4.71
C GLU A 67 -13.60 13.07 5.22
N PHE A 68 -12.71 13.53 6.14
CA PHE A 68 -11.67 12.71 6.74
C PHE A 68 -12.33 11.61 7.60
N LEU A 69 -13.31 11.99 8.44
CA LEU A 69 -14.06 11.07 9.30
C LEU A 69 -14.80 10.03 8.45
N SER A 70 -15.47 10.50 7.35
CA SER A 70 -16.17 9.65 6.38
C SER A 70 -15.26 8.62 5.75
N GLU A 71 -14.10 9.07 5.23
CA GLU A 71 -13.08 8.25 4.60
C GLU A 71 -12.49 7.27 5.59
N ALA A 72 -12.23 7.72 6.84
CA ALA A 72 -11.71 6.89 7.94
C ALA A 72 -12.71 5.81 8.33
N ALA A 73 -14.00 6.15 8.42
CA ALA A 73 -15.10 5.21 8.71
C ALA A 73 -15.16 4.04 7.68
N CYS A 74 -14.95 4.34 6.37
CA CYS A 74 -14.88 3.34 5.30
C CYS A 74 -13.63 2.43 5.48
N MET A 75 -12.46 3.04 5.76
CA MET A 75 -11.17 2.40 5.98
C MET A 75 -11.16 1.40 7.13
N LYS A 76 -11.78 1.77 8.28
CA LYS A 76 -11.85 0.90 9.46
C LYS A 76 -12.71 -0.35 9.20
N ASP A 77 -13.59 -0.28 8.21
CA ASP A 77 -14.45 -1.38 7.80
C ASP A 77 -13.66 -2.52 7.12
N PHE A 78 -12.47 -2.23 6.57
CA PHE A 78 -11.62 -3.23 5.94
C PHE A 78 -11.13 -4.22 6.98
N SER A 79 -11.19 -5.48 6.62
CA SER A 79 -10.76 -6.55 7.49
C SER A 79 -10.17 -7.68 6.63
N HIS A 80 -8.86 -7.59 6.40
CA HIS A 80 -8.12 -8.60 5.67
C HIS A 80 -6.72 -8.70 6.26
N PRO A 81 -6.12 -9.90 6.39
CA PRO A 81 -4.75 -9.96 6.96
C PRO A 81 -3.65 -9.28 6.14
N ASN A 82 -3.90 -8.96 4.83
CA ASN A 82 -2.90 -8.28 3.99
C ASN A 82 -3.30 -6.86 3.60
N VAL A 83 -4.17 -6.26 4.44
CA VAL A 83 -4.56 -4.84 4.33
C VAL A 83 -4.26 -4.27 5.74
N ILE A 84 -3.55 -3.12 5.85
CA ILE A 84 -3.29 -2.51 7.15
C ILE A 84 -4.63 -2.23 7.86
N ARG A 85 -4.70 -2.44 9.17
CA ARG A 85 -5.96 -2.19 9.85
C ARG A 85 -5.97 -0.82 10.48
N LEU A 86 -7.00 -0.06 10.25
CA LEU A 86 -7.10 1.26 10.85
C LEU A 86 -7.63 1.00 12.25
N LEU A 87 -6.90 1.43 13.29
CA LEU A 87 -7.39 1.17 14.66
C LEU A 87 -8.41 2.24 15.07
N GLY A 88 -8.28 3.42 14.47
CA GLY A 88 -9.18 4.54 14.69
C GLY A 88 -8.56 5.87 14.34
N VAL A 89 -9.30 6.95 14.62
CA VAL A 89 -8.89 8.31 14.31
C VAL A 89 -9.07 9.26 15.51
N CYS A 90 -8.30 10.35 15.52
CA CYS A 90 -8.31 11.38 16.55
C CYS A 90 -8.32 12.74 15.90
N ILE A 91 -8.88 13.72 16.58
CA ILE A 91 -8.84 15.08 16.07
C ILE A 91 -8.18 15.95 17.13
N GLU A 92 -7.35 16.90 16.67
CA GLU A 92 -6.66 17.88 17.50
C GLU A 92 -6.79 19.23 16.80
N MET A 93 -7.20 20.28 17.54
CA MET A 93 -7.37 21.62 16.97
C MET A 93 -6.11 22.48 17.17
N SER A 94 -5.86 23.40 16.21
CA SER A 94 -4.71 24.32 16.29
C SER A 94 -5.12 25.66 16.95
N SER A 95 -4.16 26.58 17.15
CA SER A 95 -4.37 27.89 17.76
C SER A 95 -5.21 28.84 16.91
N PRO A 99 -7.55 22.19 13.52
CA PRO A 99 -8.03 21.35 12.41
C PRO A 99 -6.98 20.33 11.91
N LYS A 100 -6.35 19.59 12.87
CA LYS A 100 -5.30 18.58 12.61
C LYS A 100 -5.72 17.13 12.99
N PRO A 101 -6.15 16.33 12.01
CA PRO A 101 -6.55 14.93 12.30
C PRO A 101 -5.40 13.93 12.44
N MET A 102 -5.62 12.83 13.18
CA MET A 102 -4.64 11.76 13.42
C MET A 102 -5.25 10.41 13.08
N VAL A 103 -4.50 9.54 12.44
CA VAL A 103 -4.95 8.18 12.12
C VAL A 103 -4.04 7.21 12.87
N ILE A 104 -4.66 6.23 13.54
CA ILE A 104 -4.00 5.29 14.44
C ILE A 104 -3.85 3.94 13.79
N LEU A 105 -2.61 3.47 13.71
CA LEU A 105 -2.29 2.23 13.03
C LEU A 105 -1.51 1.28 13.89
N PRO A 106 -1.53 -0.04 13.60
CA PRO A 106 -0.62 -0.97 14.32
C PRO A 106 0.85 -0.59 14.06
N PHE A 107 1.71 -0.68 15.10
CA PHE A 107 3.11 -0.32 14.94
C PHE A 107 3.86 -1.44 14.22
N MET A 108 4.55 -1.09 13.12
CA MET A 108 5.30 -2.07 12.32
C MET A 108 6.78 -1.79 12.42
N LYS A 109 7.43 -2.46 13.39
CA LYS A 109 8.86 -2.34 13.70
C LYS A 109 9.77 -2.68 12.48
N TYR A 110 9.33 -3.57 11.56
CA TYR A 110 10.09 -3.94 10.36
C TYR A 110 10.01 -2.90 9.23
N GLY A 111 9.10 -1.93 9.36
CA GLY A 111 8.93 -0.83 8.42
C GLY A 111 8.33 -1.20 7.07
N ASP A 112 8.54 -0.32 6.09
CA ASP A 112 8.02 -0.52 4.74
C ASP A 112 8.87 -1.55 3.96
N LEU A 113 8.24 -2.20 2.98
CA LEU A 113 8.88 -3.24 2.18
C LEU A 113 10.03 -2.72 1.30
N HIS A 114 9.90 -1.50 0.76
CA HIS A 114 10.93 -0.93 -0.10
C HIS A 114 12.27 -0.78 0.66
N THR A 115 12.21 -0.19 1.87
CA THR A 115 13.40 0.01 2.71
C THR A 115 14.03 -1.34 3.07
N TYR A 116 13.19 -2.33 3.41
CA TYR A 116 13.59 -3.68 3.78
C TYR A 116 14.39 -4.38 2.68
N LEU A 117 13.92 -4.27 1.42
CA LEU A 117 14.55 -4.85 0.22
C LEU A 117 15.93 -4.26 0.05
N LEU A 118 16.03 -2.93 0.14
CA LEU A 118 17.29 -2.17 0.06
C LEU A 118 18.27 -2.59 1.16
N TYR A 119 17.78 -2.66 2.45
CA TYR A 119 18.57 -3.08 3.61
C TYR A 119 19.15 -4.49 3.44
N SER A 120 18.41 -5.38 2.76
CA SER A 120 18.81 -6.76 2.50
C SER A 120 20.08 -6.88 1.62
N ARG A 121 20.45 -5.78 0.93
CA ARG A 121 21.64 -5.76 0.10
C ARG A 121 22.83 -5.13 0.84
N LEU A 122 22.65 -4.86 2.14
CA LEU A 122 23.70 -4.31 2.99
C LEU A 122 23.96 -5.32 4.09
N GLU A 123 25.23 -5.43 4.51
CA GLU A 123 25.71 -6.38 5.52
C GLU A 123 24.96 -6.40 6.85
N THR A 124 24.55 -5.23 7.39
CA THR A 124 23.97 -5.16 8.75
C THR A 124 22.53 -5.70 8.96
N GLY A 125 21.53 -5.14 8.27
CA GLY A 125 20.11 -5.46 8.47
C GLY A 125 19.64 -6.86 8.11
N PRO A 126 18.49 -7.01 7.40
CA PRO A 126 18.06 -8.35 7.01
C PRO A 126 19.03 -8.98 6.03
N ARG A 127 19.11 -10.32 6.03
CA ARG A 127 19.98 -11.11 5.16
C ARG A 127 19.39 -11.17 3.75
N HIS A 128 20.15 -11.76 2.80
CA HIS A 128 19.73 -11.96 1.40
C HIS A 128 18.32 -12.60 1.39
N ILE A 129 17.40 -12.00 0.62
CA ILE A 129 16.03 -12.51 0.53
C ILE A 129 15.96 -13.53 -0.60
N PRO A 130 15.64 -14.83 -0.36
CA PRO A 130 15.56 -15.78 -1.48
C PRO A 130 14.26 -15.60 -2.30
N LEU A 131 14.25 -16.16 -3.53
CA LEU A 131 13.14 -16.14 -4.49
C LEU A 131 11.75 -16.46 -3.89
N GLN A 132 11.66 -17.52 -3.03
CA GLN A 132 10.40 -17.95 -2.40
C GLN A 132 9.75 -16.84 -1.57
N THR A 133 10.58 -16.08 -0.83
CA THR A 133 10.16 -14.98 0.04
C THR A 133 9.76 -13.76 -0.78
N LEU A 134 10.45 -13.52 -1.89
CA LEU A 134 10.13 -12.41 -2.79
C LEU A 134 8.76 -12.68 -3.43
N LEU A 135 8.47 -13.96 -3.73
CA LEU A 135 7.20 -14.40 -4.29
C LEU A 135 6.12 -14.37 -3.21
N ARG A 136 6.46 -14.76 -1.95
CA ARG A 136 5.55 -14.67 -0.81
C ARG A 136 5.12 -13.20 -0.61
N PHE A 137 6.03 -12.24 -0.81
CA PHE A 137 5.72 -10.79 -0.71
C PHE A 137 4.67 -10.39 -1.75
N MET A 138 4.86 -10.85 -3.01
CA MET A 138 3.98 -10.57 -4.13
C MET A 138 2.58 -11.20 -3.95
N VAL A 139 2.50 -12.47 -3.46
CA VAL A 139 1.26 -13.20 -3.18
C VAL A 139 0.45 -12.39 -2.14
N ASP A 140 1.10 -11.96 -1.04
CA ASP A 140 0.54 -11.21 0.09
C ASP A 140 -0.09 -9.88 -0.34
N ILE A 141 0.60 -9.12 -1.21
CA ILE A 141 0.10 -7.88 -1.76
C ILE A 141 -1.09 -8.18 -2.70
N ALA A 142 -0.95 -9.22 -3.57
CA ALA A 142 -2.02 -9.64 -4.49
C ALA A 142 -3.28 -10.00 -3.69
N LEU A 143 -3.13 -10.67 -2.51
CA LEU A 143 -4.27 -11.04 -1.63
C LEU A 143 -4.95 -9.78 -1.05
N GLY A 144 -4.17 -8.83 -0.55
CA GLY A 144 -4.69 -7.57 -0.02
C GLY A 144 -5.41 -6.74 -1.05
N MET A 145 -4.85 -6.68 -2.27
CA MET A 145 -5.38 -5.95 -3.41
C MET A 145 -6.63 -6.60 -3.97
N GLU A 146 -6.67 -7.92 -3.96
CA GLU A 146 -7.80 -8.72 -4.38
C GLU A 146 -9.00 -8.43 -3.44
N TYR A 147 -8.74 -8.34 -2.10
CA TYR A 147 -9.74 -8.02 -1.09
C TYR A 147 -10.35 -6.62 -1.40
N LEU A 148 -9.47 -5.62 -1.65
CA LEU A 148 -9.80 -4.23 -1.96
C LEU A 148 -10.62 -4.06 -3.25
N SER A 149 -10.15 -4.64 -4.38
CA SER A 149 -10.84 -4.52 -5.67
C SER A 149 -12.22 -5.19 -5.63
N ASN A 150 -12.37 -6.30 -4.88
CA ASN A 150 -13.64 -6.99 -4.72
C ASN A 150 -14.66 -6.17 -3.91
N ARG A 151 -14.17 -5.17 -3.14
CA ARG A 151 -14.96 -4.24 -2.33
C ARG A 151 -15.05 -2.91 -3.08
N ASN A 152 -14.55 -2.87 -4.34
CA ASN A 152 -14.53 -1.73 -5.25
C ASN A 152 -13.76 -0.52 -4.68
N PHE A 153 -12.69 -0.79 -3.92
CA PHE A 153 -11.84 0.26 -3.38
C PHE A 153 -10.54 0.33 -4.19
N LEU A 154 -10.26 1.51 -4.75
CA LEU A 154 -9.03 1.75 -5.49
C LEU A 154 -7.98 2.25 -4.51
N HIS A 155 -6.77 1.68 -4.57
CA HIS A 155 -5.67 2.09 -3.70
C HIS A 155 -5.15 3.47 -4.16
N ARG A 156 -4.84 3.61 -5.46
CA ARG A 156 -4.34 4.83 -6.13
C ARG A 156 -2.87 5.24 -5.75
N ASP A 157 -2.15 4.47 -4.91
CA ASP A 157 -0.73 4.74 -4.56
C ASP A 157 0.02 3.45 -4.21
N LEU A 158 -0.26 2.36 -4.96
CA LEU A 158 0.38 1.07 -4.77
C LEU A 158 1.84 1.11 -5.26
N ALA A 159 2.78 0.87 -4.33
CA ALA A 159 4.24 0.85 -4.49
C ALA A 159 4.84 0.12 -3.30
N ALA A 160 6.09 -0.39 -3.45
CA ALA A 160 6.78 -1.12 -2.38
C ALA A 160 6.91 -0.30 -1.09
N ARG A 161 7.03 1.03 -1.21
CA ARG A 161 7.11 1.94 -0.06
C ARG A 161 5.78 2.05 0.74
N ASN A 162 4.64 1.62 0.14
CA ASN A 162 3.30 1.69 0.75
C ASN A 162 2.82 0.31 1.20
N CYS A 163 3.72 -0.66 1.22
CA CYS A 163 3.44 -2.00 1.72
C CYS A 163 4.24 -2.15 3.01
N MET A 164 3.60 -2.63 4.07
CA MET A 164 4.23 -2.72 5.37
C MET A 164 4.52 -4.15 5.74
N LEU A 165 5.59 -4.37 6.53
CA LEU A 165 5.92 -5.71 7.03
C LEU A 165 5.48 -5.87 8.47
N ARG A 166 4.64 -6.88 8.71
CA ARG A 166 4.16 -7.26 10.04
C ARG A 166 5.29 -8.08 10.73
N ASP A 167 5.21 -8.28 12.07
CA ASP A 167 6.22 -9.00 12.86
C ASP A 167 6.46 -10.46 12.41
N ASP A 168 5.45 -11.11 11.79
CA ASP A 168 5.56 -12.48 11.27
C ASP A 168 6.04 -12.50 9.80
N MET A 169 6.48 -11.32 9.28
CA MET A 169 7.01 -11.06 7.94
C MET A 169 5.94 -11.10 6.81
N THR A 170 4.65 -11.01 7.18
CA THR A 170 3.49 -10.95 6.28
C THR A 170 3.45 -9.51 5.76
N VAL A 171 3.19 -9.34 4.46
CA VAL A 171 3.07 -8.02 3.86
C VAL A 171 1.60 -7.57 3.90
N CYS A 172 1.37 -6.29 4.21
CA CYS A 172 0.05 -5.74 4.11
C CYS A 172 0.10 -4.43 3.30
N VAL A 173 -0.90 -4.21 2.45
CA VAL A 173 -1.01 -2.96 1.68
C VAL A 173 -1.48 -1.82 2.62
N ALA A 174 -0.91 -0.64 2.44
CA ALA A 174 -1.12 0.46 3.37
C ALA A 174 -1.01 1.80 2.66
N ASP A 175 -1.00 2.90 3.43
CA ASP A 175 -0.78 4.28 2.97
C ASP A 175 -1.49 4.57 1.67
N PHE A 176 -2.82 4.32 1.69
CA PHE A 176 -3.74 4.46 0.57
C PHE A 176 -3.69 5.88 0.05
N GLY A 177 -3.67 6.02 -1.27
CA GLY A 177 -3.58 7.30 -1.98
C GLY A 177 -4.46 8.40 -1.43
N LEU A 178 -3.86 9.59 -1.21
CA LEU A 178 -4.46 10.81 -0.63
C LEU A 178 -4.94 10.59 0.82
N PRO A 197 4.07 10.16 -8.30
CA PRO A 197 4.70 8.83 -8.38
C PRO A 197 4.54 8.28 -9.80
N VAL A 198 4.81 9.16 -10.79
CA VAL A 198 4.73 9.01 -12.25
C VAL A 198 5.08 7.58 -12.77
N LYS A 199 6.18 6.97 -12.27
CA LYS A 199 6.70 5.64 -12.65
C LYS A 199 5.88 4.44 -12.16
N TRP A 200 4.77 4.69 -11.48
CA TRP A 200 3.84 3.65 -11.03
C TRP A 200 2.48 3.81 -11.70
N ILE A 201 2.30 4.93 -12.41
CA ILE A 201 1.04 5.34 -13.05
C ILE A 201 0.83 4.68 -14.44
N ALA A 202 -0.31 4.00 -14.63
CA ALA A 202 -0.69 3.36 -15.90
C ALA A 202 -0.77 4.36 -17.06
N ILE A 203 -0.46 3.91 -18.27
CA ILE A 203 -0.43 4.72 -19.51
C ILE A 203 -1.73 5.56 -19.71
N GLU A 204 -2.92 4.95 -19.48
CA GLU A 204 -4.21 5.62 -19.66
C GLU A 204 -4.51 6.63 -18.53
N SER A 205 -3.89 6.43 -17.35
CA SER A 205 -4.03 7.33 -16.20
C SER A 205 -3.17 8.59 -16.39
N LEU A 206 -2.08 8.47 -17.17
CA LEU A 206 -1.19 9.59 -17.51
C LEU A 206 -1.82 10.45 -18.62
N ALA A 207 -2.57 9.80 -19.55
CA ALA A 207 -3.19 10.41 -20.73
C ALA A 207 -4.59 10.93 -20.50
N ASP A 208 -5.52 10.03 -20.10
CA ASP A 208 -6.94 10.35 -19.93
C ASP A 208 -7.29 10.81 -18.51
N ARG A 209 -6.32 10.79 -17.56
CA ARG A 209 -6.49 11.17 -16.15
C ARG A 209 -7.62 10.36 -15.46
N VAL A 210 -7.78 9.10 -15.90
CA VAL A 210 -8.77 8.12 -15.46
C VAL A 210 -8.10 7.01 -14.65
N TYR A 211 -8.71 6.61 -13.53
CA TYR A 211 -8.15 5.57 -12.68
C TYR A 211 -9.17 4.48 -12.33
N THR A 212 -8.81 3.20 -12.59
CA THR A 212 -9.64 2.03 -12.31
C THR A 212 -8.82 0.98 -11.55
N SER A 213 -9.41 -0.22 -11.36
CA SER A 213 -8.72 -1.33 -10.71
C SER A 213 -7.60 -1.87 -11.61
N LYS A 214 -7.70 -1.63 -12.94
CA LYS A 214 -6.70 -2.01 -13.93
C LYS A 214 -5.48 -1.13 -13.80
N SER A 215 -5.67 0.12 -13.33
CA SER A 215 -4.59 1.06 -13.04
C SER A 215 -3.88 0.62 -11.74
N ASP A 216 -4.62 0.00 -10.79
CA ASP A 216 -4.02 -0.56 -9.56
C ASP A 216 -3.21 -1.81 -9.96
N VAL A 217 -3.74 -2.61 -10.93
CA VAL A 217 -3.07 -3.81 -11.47
C VAL A 217 -1.72 -3.35 -12.12
N TRP A 218 -1.73 -2.22 -12.86
CA TRP A 218 -0.50 -1.70 -13.49
C TRP A 218 0.54 -1.36 -12.42
N ALA A 219 0.13 -0.60 -11.38
CA ALA A 219 1.00 -0.25 -10.23
C ALA A 219 1.53 -1.50 -9.52
N PHE A 220 0.70 -2.54 -9.42
CA PHE A 220 1.07 -3.82 -8.82
C PHE A 220 2.22 -4.53 -9.59
N GLY A 221 2.16 -4.53 -10.92
CA GLY A 221 3.21 -5.08 -11.78
C GLY A 221 4.54 -4.38 -11.54
N VAL A 222 4.50 -3.02 -11.40
CA VAL A 222 5.66 -2.16 -11.12
C VAL A 222 6.19 -2.51 -9.69
N THR A 223 5.28 -2.70 -8.73
CA THR A 223 5.60 -3.09 -7.36
C THR A 223 6.29 -4.47 -7.40
N MET A 224 5.78 -5.44 -8.17
CA MET A 224 6.40 -6.78 -8.34
C MET A 224 7.84 -6.64 -8.88
N TRP A 225 8.08 -5.71 -9.83
CA TRP A 225 9.38 -5.43 -10.45
C TRP A 225 10.33 -4.83 -9.37
N GLU A 226 9.83 -3.92 -8.50
CA GLU A 226 10.62 -3.37 -7.38
C GLU A 226 11.05 -4.52 -6.44
N ILE A 227 10.16 -5.48 -6.17
CA ILE A 227 10.47 -6.61 -5.30
C ILE A 227 11.54 -7.52 -5.94
N ALA A 228 11.32 -7.93 -7.23
CA ALA A 228 12.25 -8.75 -8.00
C ALA A 228 13.64 -8.12 -8.18
N THR A 229 13.73 -6.77 -8.28
CA THR A 229 15.03 -6.06 -8.44
C THR A 229 15.60 -5.71 -7.04
N ARG A 230 14.86 -6.05 -5.97
CA ARG A 230 15.22 -5.76 -4.58
C ARG A 230 15.40 -4.23 -4.32
N GLY A 231 14.43 -3.45 -4.79
CA GLY A 231 14.34 -2.02 -4.50
C GLY A 231 14.84 -1.00 -5.50
N MET A 232 15.14 -1.42 -6.73
CA MET A 232 15.58 -0.50 -7.81
C MET A 232 14.45 0.48 -8.14
N THR A 233 14.81 1.70 -8.49
CA THR A 233 13.83 2.66 -8.92
C THR A 233 13.38 2.20 -10.31
N PRO A 234 12.06 2.21 -10.60
CA PRO A 234 11.59 1.82 -11.94
C PRO A 234 12.18 2.66 -13.07
N TYR A 235 12.42 2.03 -14.23
CA TYR A 235 12.93 2.66 -15.48
C TYR A 235 14.25 3.43 -15.32
N PRO A 236 15.34 2.72 -14.93
CA PRO A 236 16.66 3.39 -14.85
C PRO A 236 17.03 4.01 -16.20
N GLY A 237 17.53 5.25 -16.18
CA GLY A 237 17.90 5.95 -17.40
C GLY A 237 16.75 6.63 -18.14
N VAL A 238 15.52 6.58 -17.58
CA VAL A 238 14.36 7.27 -18.17
C VAL A 238 13.91 8.30 -17.12
N GLN A 239 13.81 9.58 -17.50
CA GLN A 239 13.37 10.63 -16.59
C GLN A 239 11.85 10.64 -16.48
N ASN A 240 11.30 11.17 -15.36
CA ASN A 240 9.86 11.26 -15.09
C ASN A 240 9.08 11.98 -16.20
N HIS A 241 9.62 13.10 -16.73
CA HIS A 241 8.96 13.85 -17.79
C HIS A 241 9.02 13.13 -19.16
N GLU A 242 9.75 11.99 -19.23
CA GLU A 242 9.90 11.21 -20.47
C GLU A 242 9.02 9.96 -20.45
N MET A 243 8.37 9.68 -19.32
CA MET A 243 7.60 8.47 -19.06
C MET A 243 6.39 8.24 -19.98
N TYR A 244 5.54 9.24 -20.22
CA TYR A 244 4.37 9.02 -21.08
C TYR A 244 4.74 8.65 -22.51
N ASP A 245 5.71 9.37 -23.10
CA ASP A 245 6.20 9.10 -24.45
C ASP A 245 6.94 7.75 -24.54
N TYR A 246 7.66 7.38 -23.46
CA TYR A 246 8.36 6.10 -23.35
C TYR A 246 7.36 4.91 -23.46
N LEU A 247 6.30 4.94 -22.63
CA LEU A 247 5.27 3.91 -22.60
C LEU A 247 4.44 3.89 -23.90
N LEU A 248 4.13 5.09 -24.46
CA LEU A 248 3.38 5.30 -25.70
C LEU A 248 4.01 4.57 -26.91
N HIS A 249 5.35 4.45 -26.93
CA HIS A 249 6.11 3.75 -27.95
C HIS A 249 6.24 2.23 -27.69
N GLY A 250 5.50 1.73 -26.70
CA GLY A 250 5.42 0.32 -26.35
C GLY A 250 6.42 -0.21 -25.33
N HIS A 251 7.41 0.63 -24.94
CA HIS A 251 8.42 0.23 -23.96
C HIS A 251 7.84 0.04 -22.58
N ARG A 252 8.30 -1.00 -21.91
CA ARG A 252 7.92 -1.39 -20.56
C ARG A 252 9.18 -1.68 -19.76
N LEU A 253 9.02 -1.94 -18.45
CA LEU A 253 10.09 -2.33 -17.54
C LEU A 253 10.77 -3.60 -18.05
N LYS A 254 12.11 -3.63 -18.02
CA LYS A 254 12.92 -4.73 -18.50
C LYS A 254 12.90 -5.89 -17.52
N GLN A 255 13.10 -7.13 -18.05
CA GLN A 255 13.23 -8.28 -17.19
C GLN A 255 14.45 -8.16 -16.25
N PRO A 256 14.25 -8.28 -14.91
CA PRO A 256 15.39 -8.23 -13.98
C PRO A 256 16.30 -9.43 -14.16
N GLU A 257 17.60 -9.30 -13.82
CA GLU A 257 18.58 -10.37 -13.95
C GLU A 257 18.20 -11.52 -12.99
N ASP A 258 18.36 -12.78 -13.47
CA ASP A 258 18.04 -14.03 -12.76
C ASP A 258 16.54 -14.23 -12.43
N CYS A 259 15.66 -13.30 -12.89
CA CYS A 259 14.20 -13.37 -12.69
C CYS A 259 13.62 -14.45 -13.59
N LEU A 260 12.69 -15.28 -13.06
CA LEU A 260 12.03 -16.33 -13.82
C LEU A 260 11.20 -15.70 -14.93
N ASP A 261 11.21 -16.35 -16.10
CA ASP A 261 10.44 -15.96 -17.29
C ASP A 261 8.94 -15.96 -16.99
N GLU A 262 8.47 -16.92 -16.18
CA GLU A 262 7.05 -17.04 -15.80
C GLU A 262 6.64 -15.84 -14.96
N LEU A 263 7.49 -15.44 -13.95
CA LEU A 263 7.26 -14.29 -13.08
C LEU A 263 7.21 -12.99 -13.89
N TYR A 264 8.15 -12.83 -14.85
CA TYR A 264 8.21 -11.66 -15.71
C TYR A 264 7.01 -11.55 -16.63
N GLU A 265 6.50 -12.69 -17.12
CA GLU A 265 5.28 -12.76 -17.94
C GLU A 265 4.09 -12.28 -17.13
N ILE A 266 4.03 -12.66 -15.83
CA ILE A 266 2.98 -12.25 -14.90
C ILE A 266 3.04 -10.71 -14.72
N MET A 267 4.26 -10.12 -14.45
CA MET A 267 4.37 -8.67 -14.25
C MET A 267 4.10 -7.90 -15.56
N TYR A 268 4.63 -8.41 -16.68
CA TYR A 268 4.41 -7.85 -18.00
C TYR A 268 2.92 -7.78 -18.34
N SER A 269 2.12 -8.86 -18.04
CA SER A 269 0.66 -8.89 -18.27
C SER A 269 -0.05 -7.69 -17.60
N CYS A 270 0.57 -7.10 -16.54
CA CYS A 270 0.02 -5.94 -15.82
C CYS A 270 0.15 -4.65 -16.61
N TRP A 271 1.01 -4.64 -17.63
CA TRP A 271 1.30 -3.44 -18.41
C TRP A 271 0.76 -3.47 -19.84
N ARG A 272 -0.27 -4.31 -20.11
CA ARG A 272 -0.91 -4.38 -21.43
C ARG A 272 -1.57 -3.02 -21.71
N THR A 273 -1.33 -2.45 -22.90
CA THR A 273 -1.83 -1.13 -23.33
C THR A 273 -3.33 -0.94 -23.04
N ASP A 274 -4.12 -1.96 -23.39
CA ASP A 274 -5.55 -1.96 -23.16
C ASP A 274 -5.77 -2.43 -21.74
N PRO A 275 -6.34 -1.54 -20.88
CA PRO A 275 -6.62 -1.93 -19.49
C PRO A 275 -7.53 -3.16 -19.35
N LEU A 276 -8.44 -3.38 -20.34
CA LEU A 276 -9.32 -4.55 -20.35
C LEU A 276 -8.52 -5.86 -20.53
N ASP A 277 -7.36 -5.83 -21.25
CA ASP A 277 -6.52 -7.02 -21.45
C ASP A 277 -5.74 -7.43 -20.19
N ARG A 278 -5.53 -6.49 -19.23
CA ARG A 278 -4.83 -6.74 -17.98
C ARG A 278 -5.64 -7.71 -17.10
N PRO A 279 -4.98 -8.67 -16.41
CA PRO A 279 -5.75 -9.59 -15.55
C PRO A 279 -6.21 -8.92 -14.25
N THR A 280 -7.21 -9.50 -13.61
CA THR A 280 -7.68 -9.02 -12.32
C THR A 280 -6.65 -9.44 -11.28
N PHE A 281 -6.80 -8.92 -10.05
CA PHE A 281 -5.96 -9.29 -8.94
C PHE A 281 -6.13 -10.74 -8.52
N SER A 282 -7.34 -11.28 -8.66
CA SER A 282 -7.72 -12.65 -8.34
C SER A 282 -6.98 -13.62 -9.29
N VAL A 283 -6.95 -13.26 -10.58
CA VAL A 283 -6.21 -14.03 -11.59
C VAL A 283 -4.69 -13.95 -11.26
N LEU A 284 -4.16 -12.76 -11.01
CA LEU A 284 -2.75 -12.58 -10.66
C LEU A 284 -2.37 -13.36 -9.39
N ARG A 285 -3.19 -13.27 -8.33
CA ARG A 285 -2.95 -13.96 -7.05
C ARG A 285 -2.83 -15.46 -7.25
N LEU A 286 -3.67 -16.03 -8.12
CA LEU A 286 -3.67 -17.44 -8.41
C LEU A 286 -2.41 -17.85 -9.18
N GLN A 287 -2.05 -17.11 -10.25
CA GLN A 287 -0.85 -17.36 -11.06
C GLN A 287 0.43 -17.33 -10.17
N LEU A 288 0.49 -16.36 -9.25
CA LEU A 288 1.61 -16.18 -8.30
C LEU A 288 1.73 -17.31 -7.26
N GLU A 289 0.58 -17.84 -6.77
CA GLU A 289 0.52 -18.94 -5.82
C GLU A 289 0.98 -20.26 -6.45
N ARG A 290 0.57 -20.51 -7.71
CA ARG A 290 0.95 -21.70 -8.47
C ARG A 290 2.46 -21.68 -8.72
N LEU A 291 2.99 -20.51 -9.16
CA LEU A 291 4.42 -20.31 -9.41
C LEU A 291 5.21 -20.59 -8.12
N LEU A 292 4.76 -20.03 -6.97
CA LEU A 292 5.41 -20.24 -5.67
C LEU A 292 5.47 -21.72 -5.29
N GLU A 293 4.32 -22.41 -5.34
CA GLU A 293 4.20 -23.83 -5.04
C GLU A 293 5.11 -24.69 -5.92
N SER A 294 5.28 -24.28 -7.19
CA SER A 294 6.14 -24.97 -8.18
C SER A 294 7.65 -24.88 -7.89
N LEU A 295 8.08 -24.03 -6.94
CA LEU A 295 9.51 -23.87 -6.59
C LEU A 295 10.07 -25.00 -5.69
N PRO A 296 11.34 -25.43 -5.88
CA PRO A 296 11.88 -26.51 -5.03
C PRO A 296 12.64 -25.97 -3.82
C1 S4W B . 2.71 3.89 7.33
C2 S4W B . 3.15 3.21 8.60
C3 S4W B . 2.34 2.20 9.28
C7 S4W B . 5.93 3.13 11.08
C8 S4W B . 4.34 3.55 9.17
C9 S4W B . 0.37 4.47 6.99
C10 S4W B . -1.66 4.84 6.49
C11 S4W B . -2.88 5.64 6.30
C12 S4W B . -2.81 7.03 6.41
C13 S4W B . -3.95 7.79 6.22
C14 S4W B . -5.18 7.22 5.92
C15 S4W B . -5.23 5.82 5.81
C16 S4W B . -4.11 5.04 5.99
C19 S4W B . -7.36 9.88 4.43
C20 S4W B . -8.54 9.78 5.15
C21 S4W B . -8.66 8.83 6.15
C22 S4W B . -7.59 8.00 6.42
CL S4W B . -7.79 6.82 7.68
C18 S4W B . -6.30 9.05 4.70
C17 S4W B . -6.39 8.07 5.71
N4 S4W B . -1.45 3.59 6.25
N3 S4W B . -0.11 3.33 6.59
O S4W B . -0.54 5.48 6.95
N S4W B . 1.60 4.82 7.43
C S4W B . 1.80 6.00 8.28
N2 S4W B . 4.78 2.96 10.35
C6 S4W B . 5.82 2.28 12.14
N1 S4W B . 4.65 1.58 12.08
C5 S4W B . 4.01 1.99 10.99
C4 S4W B . 2.76 1.61 10.44
#